data_4PLU
#
_entry.id   4PLU
#
_cell.length_a   67.601
_cell.length_b   67.812
_cell.length_c   88.323
_cell.angle_alpha   90.000
_cell.angle_beta   90.000
_cell.angle_gamma   90.000
#
_symmetry.space_group_name_H-M   'P 21 21 21'
#
loop_
_entity.id
_entity.type
_entity.pdbx_description
1 polymer 'Macrophage migration inhibitory factor'
2 non-polymer benzaldehyde
3 non-polymer 'SULFATE ION'
4 non-polymer 'ISOPROPYL ALCOHOL'
5 water water
#
_entity_poly.entity_id   1
_entity_poly.type   'polypeptide(L)'
_entity_poly.pdbx_seq_one_letter_code
;PMFIVNTNVPRASVPDGFLSELTQQLAQATGKPPQYIAVHVVPDQLMAFGGSSEPCALCSLHSIGKIGGAQNRSYSKLLC
GLLAERLRISPDRVYINYYDMNAANVGWNNSTFA
;
_entity_poly.pdbx_strand_id   A,B,C
#
loop_
_chem_comp.id
_chem_comp.type
_chem_comp.name
_chem_comp.formula
HBX non-polymer benzaldehyde 'C7 H6 O'
IPA non-polymer 'ISOPROPYL ALCOHOL' 'C3 H8 O'
SO4 non-polymer 'SULFATE ION' 'O4 S -2'
#
# COMPACT_ATOMS: atom_id res chain seq x y z
N PRO A 1 10.44 -10.29 -5.80
CA PRO A 1 9.75 -10.11 -4.53
C PRO A 1 10.02 -8.78 -3.91
N MET A 2 9.05 -8.42 -3.12
CA MET A 2 9.12 -7.07 -2.57
C MET A 2 8.35 -6.96 -1.26
N PHE A 3 9.09 -6.34 -0.30
CA PHE A 3 8.62 -6.26 1.06
C PHE A 3 8.53 -4.83 1.57
N ILE A 4 7.40 -4.48 2.18
CA ILE A 4 7.20 -3.16 2.73
C ILE A 4 6.81 -3.31 4.17
N VAL A 5 7.43 -2.51 5.02
CA VAL A 5 7.04 -2.38 6.39
C VAL A 5 6.85 -0.90 6.75
N ASN A 6 5.69 -0.66 7.25
CA ASN A 6 5.15 0.49 7.94
C ASN A 6 5.07 0.19 9.43
N THR A 7 5.68 1.21 10.12
CA THR A 7 5.73 1.13 11.58
C THR A 7 5.72 2.43 12.29
N ASN A 8 5.24 2.45 13.52
CA ASN A 8 5.30 3.59 14.37
C ASN A 8 6.69 3.74 15.07
N VAL A 9 7.56 2.77 14.92
CA VAL A 9 8.94 2.90 15.48
C VAL A 9 9.57 4.12 14.80
N PRO A 10 10.26 4.96 15.56
CA PRO A 10 10.93 6.12 14.97
C PRO A 10 12.11 5.83 14.13
N ARG A 11 12.41 6.72 13.15
CA ARG A 11 13.47 6.50 12.24
C ARG A 11 14.83 6.19 12.92
N ALA A 12 15.09 6.89 14.02
CA ALA A 12 16.38 6.72 14.71
C ALA A 12 16.55 5.35 15.27
N SER A 13 15.45 4.63 15.49
CA SER A 13 15.49 3.23 15.94
C SER A 13 15.64 2.16 14.87
N VAL A 14 15.66 2.55 13.59
CA VAL A 14 15.95 1.66 12.53
C VAL A 14 17.46 1.56 12.34
N PRO A 15 18.03 0.38 12.61
CA PRO A 15 19.50 0.32 12.63
C PRO A 15 20.13 0.38 11.27
N ASP A 16 21.35 0.84 11.24
CA ASP A 16 22.10 0.65 10.01
C ASP A 16 22.16 -0.75 9.55
N GLY A 17 22.06 -0.98 8.24
CA GLY A 17 22.11 -2.23 7.64
C GLY A 17 20.75 -2.99 7.53
N PHE A 18 19.69 -2.40 8.04
CA PHE A 18 18.36 -3.05 8.08
C PHE A 18 17.88 -3.38 6.68
N LEU A 19 17.89 -2.40 5.76
CA LEU A 19 17.42 -2.75 4.45
C LEU A 19 18.22 -3.84 3.78
N SER A 20 19.54 -3.77 3.99
CA SER A 20 20.34 -4.79 3.45
C SER A 20 20.17 -6.21 4.07
N GLU A 21 19.93 -6.24 5.38
CA GLU A 21 19.60 -7.48 6.03
C GLU A 21 18.27 -8.04 5.53
N LEU A 22 17.28 -7.19 5.36
CA LEU A 22 16.07 -7.65 4.75
C LEU A 22 16.25 -8.21 3.38
N THR A 23 17.03 -7.55 2.55
CA THR A 23 17.26 -7.94 1.24
C THR A 23 17.90 -9.35 1.22
N GLN A 24 18.96 -9.48 2.02
CA GLN A 24 19.68 -10.76 2.08
C GLN A 24 18.86 -11.95 2.61
N GLN A 25 18.12 -11.67 3.65
CA GLN A 25 17.28 -12.71 4.28
C GLN A 25 16.10 -13.06 3.38
N LEU A 26 15.52 -12.07 2.69
CA LEU A 26 14.51 -12.42 1.74
C LEU A 26 14.95 -13.15 0.53
N ALA A 27 16.16 -12.82 0.10
CA ALA A 27 16.75 -13.59 -0.96
C ALA A 27 16.91 -15.10 -0.49
N GLN A 28 17.41 -15.29 0.71
CA GLN A 28 17.64 -16.62 1.25
C GLN A 28 16.27 -17.31 1.33
N ALA A 29 15.27 -16.63 1.88
CA ALA A 29 13.98 -17.30 2.13
C ALA A 29 13.19 -17.62 0.91
N THR A 30 13.22 -16.77 -0.12
CA THR A 30 12.45 -16.94 -1.33
C THR A 30 13.22 -17.71 -2.43
N GLY A 31 14.54 -17.78 -2.25
CA GLY A 31 15.48 -18.33 -3.23
C GLY A 31 15.90 -17.43 -4.34
N LYS A 32 15.26 -16.25 -4.44
CA LYS A 32 15.42 -15.36 -5.59
C LYS A 32 16.69 -14.56 -5.47
N PRO A 33 17.27 -14.13 -6.60
CA PRO A 33 18.49 -13.41 -6.51
C PRO A 33 18.28 -12.08 -5.80
N PRO A 34 19.23 -11.63 -5.01
CA PRO A 34 19.07 -10.39 -4.30
C PRO A 34 18.87 -9.22 -5.24
N GLN A 35 19.32 -9.31 -6.47
CA GLN A 35 19.23 -8.14 -7.32
C GLN A 35 17.75 -7.84 -7.70
N TYR A 36 16.86 -8.79 -7.48
CA TYR A 36 15.45 -8.57 -7.83
C TYR A 36 14.70 -8.04 -6.63
N ILE A 37 15.28 -8.15 -5.45
CA ILE A 37 14.51 -7.92 -4.23
C ILE A 37 14.36 -6.42 -3.95
N ALA A 38 13.14 -5.96 -3.66
CA ALA A 38 12.94 -4.59 -3.26
C ALA A 38 12.45 -4.55 -1.82
N VAL A 39 12.93 -3.62 -1.05
CA VAL A 39 12.60 -3.44 0.36
C VAL A 39 12.31 -2.01 0.64
N HIS A 40 11.38 -1.81 1.56
CA HIS A 40 10.89 -0.46 1.82
C HIS A 40 10.42 -0.38 3.27
N VAL A 41 11.03 0.51 4.05
CA VAL A 41 10.71 0.73 5.43
C VAL A 41 10.21 2.13 5.68
N VAL A 42 9.06 2.26 6.34
CA VAL A 42 8.40 3.50 6.59
C VAL A 42 8.20 3.68 8.05
N PRO A 43 9.10 4.39 8.76
CA PRO A 43 8.98 4.62 10.14
C PRO A 43 8.14 5.80 10.55
N ASP A 44 8.02 6.08 11.85
CA ASP A 44 7.35 7.28 12.35
C ASP A 44 5.88 7.39 11.97
N GLN A 45 5.22 6.23 11.72
CA GLN A 45 3.82 6.26 11.39
C GLN A 45 2.81 6.32 12.50
N LEU A 46 1.67 6.88 12.13
CA LEU A 46 0.59 7.06 13.01
C LEU A 46 -0.31 5.84 12.86
N MET A 47 -0.12 4.90 13.76
CA MET A 47 -0.83 3.63 13.71
C MET A 47 -1.13 3.07 15.06
N ALA A 48 -2.13 2.25 15.09
CA ALA A 48 -2.51 1.48 16.26
C ALA A 48 -2.79 0.05 15.93
N PHE A 49 -2.61 -0.87 16.89
CA PHE A 49 -2.85 -2.26 16.69
C PHE A 49 -3.62 -2.71 17.91
N GLY A 50 -4.83 -3.19 17.73
CA GLY A 50 -5.66 -3.54 18.90
C GLY A 50 -5.97 -2.37 19.76
N GLY A 51 -6.01 -1.17 19.24
CA GLY A 51 -6.33 0.09 19.97
C GLY A 51 -5.16 0.69 20.68
N SER A 52 -3.98 0.06 20.62
CA SER A 52 -2.81 0.52 21.29
C SER A 52 -1.73 1.06 20.36
N SER A 53 -0.97 2.03 20.81
CA SER A 53 0.12 2.62 20.05
C SER A 53 1.52 2.18 20.51
N GLU A 54 1.59 1.04 21.18
CA GLU A 54 2.84 0.34 21.39
C GLU A 54 3.47 -0.02 20.06
N PRO A 55 4.75 -0.27 19.93
CA PRO A 55 5.34 -0.57 18.66
C PRO A 55 4.57 -1.68 17.94
N CYS A 56 4.33 -1.41 16.64
CA CYS A 56 3.59 -2.37 15.78
C CYS A 56 4.05 -2.20 14.36
N ALA A 57 3.66 -3.10 13.51
CA ALA A 57 4.03 -3.03 12.10
C ALA A 57 2.95 -3.65 11.23
N LEU A 58 2.72 -2.96 10.09
CA LEU A 58 1.80 -3.49 9.07
C LEU A 58 2.64 -3.64 7.81
N CYS A 59 2.66 -4.81 7.20
CA CYS A 59 3.65 -5.16 6.17
C CYS A 59 2.96 -5.84 5.05
N SER A 60 3.70 -5.92 3.91
CA SER A 60 3.24 -6.70 2.77
C SER A 60 4.45 -7.37 2.12
N LEU A 61 4.20 -8.56 1.62
CA LEU A 61 5.18 -9.27 0.74
C LEU A 61 4.48 -9.65 -0.52
N HIS A 62 4.94 -9.12 -1.65
CA HIS A 62 4.49 -9.53 -2.94
C HIS A 62 5.57 -10.40 -3.62
N SER A 63 5.09 -11.46 -4.23
CA SER A 63 5.98 -12.38 -4.96
C SER A 63 5.25 -12.99 -6.09
N ILE A 64 5.96 -13.27 -7.21
CA ILE A 64 5.40 -14.01 -8.29
C ILE A 64 5.61 -15.52 -8.03
N GLY A 65 4.59 -16.14 -7.47
CA GLY A 65 4.75 -17.45 -6.83
C GLY A 65 5.54 -17.41 -5.52
N LYS A 66 5.87 -18.59 -5.04
CA LYS A 66 6.60 -18.74 -3.80
C LYS A 66 5.73 -18.18 -2.62
N ILE A 67 4.42 -18.25 -2.83
CA ILE A 67 3.41 -17.92 -1.78
C ILE A 67 2.52 -19.17 -1.54
N GLY A 68 2.36 -19.52 -0.29
CA GLY A 68 1.42 -20.58 0.03
C GLY A 68 1.49 -20.87 1.51
N GLY A 69 0.73 -21.85 1.94
CA GLY A 69 0.65 -22.13 3.35
C GLY A 69 1.91 -22.19 4.16
N ALA A 70 2.75 -23.20 3.83
CA ALA A 70 3.97 -23.35 4.62
C ALA A 70 5.00 -22.28 4.38
N GLN A 71 5.10 -21.84 3.11
CA GLN A 71 6.01 -20.77 2.76
C GLN A 71 5.70 -19.52 3.52
N ASN A 72 4.42 -19.19 3.56
CA ASN A 72 4.08 -17.97 4.33
C ASN A 72 4.28 -18.03 5.85
N ARG A 73 4.09 -19.20 6.45
CA ARG A 73 4.45 -19.37 7.80
C ARG A 73 5.96 -19.17 8.01
N SER A 74 6.75 -19.72 7.11
CA SER A 74 8.19 -19.48 7.17
C SER A 74 8.59 -18.05 7.01
N TYR A 75 7.97 -17.39 6.06
CA TYR A 75 8.23 -15.96 5.92
C TYR A 75 7.84 -15.19 7.18
N SER A 76 6.72 -15.49 7.77
CA SER A 76 6.32 -14.81 8.94
C SER A 76 7.21 -14.96 10.15
N LYS A 77 7.72 -16.19 10.32
CA LYS A 77 8.72 -16.40 11.34
C LYS A 77 10.01 -15.63 11.10
N LEU A 78 10.46 -15.63 9.88
CA LEU A 78 11.64 -14.86 9.47
C LEU A 78 11.45 -13.37 9.73
N LEU A 79 10.35 -12.85 9.19
CA LEU A 79 10.15 -11.43 9.24
C LEU A 79 9.80 -10.90 10.57
N CYS A 80 8.89 -11.57 11.31
CA CYS A 80 8.63 -11.23 12.65
C CYS A 80 9.91 -11.26 13.55
N GLY A 81 10.72 -12.25 13.27
CA GLY A 81 11.98 -12.37 13.97
C GLY A 81 12.92 -11.20 13.77
N LEU A 82 13.02 -10.75 12.53
CA LEU A 82 13.79 -9.57 12.23
C LEU A 82 13.23 -8.28 12.84
N LEU A 83 11.89 -8.10 12.74
CA LEU A 83 11.30 -6.98 13.34
C LEU A 83 11.43 -6.85 14.87
N ALA A 84 11.33 -8.06 15.52
CA ALA A 84 11.54 -8.13 16.95
C ALA A 84 13.00 -7.79 17.30
N GLU A 85 13.90 -8.41 16.59
CA GLU A 85 15.34 -8.20 16.96
C GLU A 85 15.81 -6.80 16.70
N ARG A 86 15.40 -6.26 15.57
CA ARG A 86 15.98 -5.01 15.09
C ARG A 86 15.21 -3.78 15.39
N LEU A 87 13.84 -3.91 15.39
CA LEU A 87 12.97 -2.80 15.78
C LEU A 87 12.21 -2.89 17.05
N ARG A 88 12.41 -4.05 17.76
CA ARG A 88 11.84 -4.26 19.09
C ARG A 88 10.31 -4.28 19.04
N ILE A 89 9.84 -4.86 17.92
CA ILE A 89 8.36 -4.99 17.76
C ILE A 89 7.96 -6.40 18.14
N SER A 90 7.00 -6.53 19.05
CA SER A 90 6.47 -7.83 19.39
C SER A 90 5.87 -8.53 18.18
N PRO A 91 6.15 -9.81 17.94
CA PRO A 91 5.53 -10.51 16.83
C PRO A 91 4.01 -10.48 16.82
N ASP A 92 3.42 -10.33 18.00
CA ASP A 92 1.97 -10.33 18.06
C ASP A 92 1.33 -8.97 17.76
N ARG A 93 2.20 -8.07 17.33
CA ARG A 93 1.75 -6.72 16.91
C ARG A 93 2.25 -6.48 15.50
N VAL A 94 2.35 -7.53 14.73
CA VAL A 94 2.78 -7.47 13.34
C VAL A 94 1.66 -8.17 12.50
N TYR A 95 1.21 -7.48 11.44
CA TYR A 95 0.48 -8.15 10.38
C TYR A 95 1.30 -8.06 9.09
N ILE A 96 1.28 -9.13 8.34
CA ILE A 96 1.95 -9.23 7.01
C ILE A 96 0.92 -9.77 6.03
N ASN A 97 0.54 -8.96 5.03
CA ASN A 97 -0.31 -9.42 3.96
C ASN A 97 0.57 -9.98 2.83
N TYR A 98 0.25 -11.21 2.41
CA TYR A 98 0.98 -11.89 1.35
C TYR A 98 0.17 -11.83 0.08
N TYR A 99 0.87 -11.51 -1.01
CA TYR A 99 0.23 -11.44 -2.33
C TYR A 99 1.03 -12.31 -3.32
N ASP A 100 0.32 -13.25 -3.92
CA ASP A 100 0.89 -14.09 -5.06
C ASP A 100 0.50 -13.40 -6.32
N MET A 101 1.43 -12.65 -6.89
CA MET A 101 1.14 -11.87 -8.10
C MET A 101 1.27 -12.71 -9.36
N ASN A 102 0.35 -12.54 -10.27
CA ASN A 102 0.51 -13.07 -11.64
C ASN A 102 1.61 -12.28 -12.33
N ALA A 103 2.52 -12.97 -13.04
CA ALA A 103 3.55 -12.29 -13.77
C ALA A 103 3.10 -11.16 -14.70
N ALA A 104 1.93 -11.33 -15.26
CA ALA A 104 1.35 -10.37 -16.22
C ALA A 104 0.97 -9.10 -15.49
N ASN A 105 0.87 -9.22 -14.14
CA ASN A 105 0.41 -8.08 -13.33
C ASN A 105 1.56 -7.45 -12.55
N VAL A 106 2.81 -7.68 -12.96
CA VAL A 106 3.98 -7.01 -12.38
C VAL A 106 4.76 -6.33 -13.51
N GLY A 107 4.78 -5.02 -13.41
CA GLY A 107 5.58 -4.21 -14.38
C GLY A 107 7.00 -4.02 -13.91
N TRP A 108 7.92 -4.01 -14.88
CA TRP A 108 9.31 -3.75 -14.61
C TRP A 108 9.98 -3.46 -15.95
N ASN A 109 10.84 -2.47 -15.98
CA ASN A 109 11.74 -2.22 -17.13
C ASN A 109 10.94 -2.14 -18.43
N ASN A 110 9.93 -1.27 -18.42
CA ASN A 110 9.14 -0.99 -19.61
C ASN A 110 8.32 -2.16 -20.13
N SER A 111 8.09 -3.14 -19.29
CA SER A 111 7.35 -4.31 -19.68
C SER A 111 6.99 -5.07 -18.44
N THR A 112 6.29 -6.17 -18.61
CA THR A 112 5.86 -7.00 -17.47
C THR A 112 6.65 -8.29 -17.45
N PHE A 113 6.47 -9.09 -16.42
CA PHE A 113 7.10 -10.44 -16.36
C PHE A 113 6.41 -11.57 -17.10
N ALA A 114 5.28 -11.29 -17.73
CA ALA A 114 4.56 -12.31 -18.48
C ALA A 114 5.45 -12.80 -19.64
N PRO B 1 -8.82 -7.36 10.97
CA PRO B 1 -8.95 -6.34 9.90
C PRO B 1 -8.01 -5.25 10.04
N MET B 2 -7.69 -4.63 8.90
CA MET B 2 -6.79 -3.51 8.94
C MET B 2 -7.22 -2.44 7.97
N PHE B 3 -7.19 -1.22 8.47
CA PHE B 3 -7.63 -0.06 7.68
C PHE B 3 -6.54 0.93 7.58
N ILE B 4 -6.27 1.41 6.35
CA ILE B 4 -5.25 2.41 6.09
C ILE B 4 -5.82 3.56 5.31
N VAL B 5 -5.60 4.79 5.78
CA VAL B 5 -6.04 5.97 5.06
C VAL B 5 -4.84 6.85 4.73
N ASN B 6 -4.69 7.16 3.44
CA ASN B 6 -3.68 8.09 2.97
C ASN B 6 -4.38 9.35 2.50
N THR B 7 -3.93 10.52 2.97
CA THR B 7 -4.66 11.78 2.71
C THR B 7 -3.71 12.93 2.58
N ASN B 8 -4.12 13.92 1.76
CA ASN B 8 -3.42 15.21 1.76
C ASN B 8 -3.83 16.16 2.87
N VAL B 9 -4.82 15.80 3.68
CA VAL B 9 -5.15 16.60 4.88
C VAL B 9 -3.89 16.69 5.81
N PRO B 10 -3.53 17.90 6.33
CA PRO B 10 -2.34 18.00 7.16
C PRO B 10 -2.49 17.33 8.54
N ARG B 11 -1.38 16.89 9.11
CA ARG B 11 -1.38 16.22 10.39
C ARG B 11 -2.14 16.96 11.46
N ALA B 12 -2.01 18.28 11.45
CA ALA B 12 -2.67 19.06 12.54
C ALA B 12 -4.14 19.01 12.47
N SER B 13 -4.71 18.68 11.27
CA SER B 13 -6.12 18.56 11.10
C SER B 13 -6.71 17.19 11.41
N VAL B 14 -5.85 16.22 11.80
CA VAL B 14 -6.34 14.94 12.29
C VAL B 14 -6.63 15.09 13.79
N PRO B 15 -7.85 14.89 14.18
CA PRO B 15 -8.17 15.22 15.57
C PRO B 15 -7.66 14.15 16.50
N ASP B 16 -7.38 14.58 17.70
CA ASP B 16 -7.18 13.62 18.79
C ASP B 16 -8.30 12.64 18.91
N GLY B 17 -7.93 11.38 19.08
CA GLY B 17 -8.90 10.30 19.20
C GLY B 17 -9.18 9.53 17.90
N PHE B 18 -8.71 10.01 16.78
CA PHE B 18 -9.12 9.47 15.50
C PHE B 18 -8.78 7.98 15.35
N LEU B 19 -7.55 7.59 15.68
CA LEU B 19 -7.21 6.14 15.55
C LEU B 19 -8.08 5.30 16.44
N SER B 20 -8.32 5.76 17.72
C SER B 20 -10.68 4.92 18.09
N GLU B 21 -11.17 6.01 17.47
CA GLU B 21 -12.48 6.03 16.86
C GLU B 21 -12.56 5.01 15.70
N LEU B 22 -11.60 5.07 14.81
CA LEU B 22 -11.57 4.08 13.73
C LEU B 22 -11.52 2.66 14.24
N THR B 23 -10.70 2.41 15.26
CA THR B 23 -10.61 1.05 15.82
C THR B 23 -11.94 0.54 16.38
N GLN B 24 -12.60 1.40 17.15
CA GLN B 24 -13.89 1.06 17.75
C GLN B 24 -14.96 0.87 16.74
N GLN B 25 -15.05 1.80 15.78
CA GLN B 25 -16.09 1.71 14.82
C GLN B 25 -15.90 0.53 13.81
N LEU B 26 -14.65 0.25 13.46
CA LEU B 26 -14.37 -0.93 12.66
C LEU B 26 -14.69 -2.26 13.42
N ALA B 27 -14.35 -2.31 14.71
CA ALA B 27 -14.69 -3.45 15.51
C ALA B 27 -16.20 -3.69 15.46
N GLN B 28 -16.98 -2.65 15.68
CA GLN B 28 -18.43 -2.69 15.68
C GLN B 28 -18.92 -3.12 14.29
N ALA B 29 -18.37 -2.54 13.24
CA ALA B 29 -18.88 -2.77 11.88
C ALA B 29 -18.60 -4.19 11.42
N THR B 30 -17.43 -4.72 11.76
CA THR B 30 -16.99 -6.04 11.25
C THR B 30 -17.40 -7.17 12.18
N GLY B 31 -17.81 -6.84 13.38
CA GLY B 31 -18.26 -7.81 14.39
C GLY B 31 -17.10 -8.55 14.97
N LYS B 32 -15.95 -7.96 14.91
CA LYS B 32 -14.73 -8.55 15.46
C LYS B 32 -14.15 -7.84 16.66
N PRO B 33 -13.46 -8.55 17.53
CA PRO B 33 -12.91 -7.87 18.68
C PRO B 33 -11.91 -6.77 18.32
N PRO B 34 -11.93 -5.72 19.08
CA PRO B 34 -10.99 -4.62 18.79
C PRO B 34 -9.53 -4.97 18.90
N GLN B 35 -9.19 -6.05 19.64
CA GLN B 35 -7.84 -6.47 19.74
C GLN B 35 -7.22 -6.87 18.41
N TYR B 36 -8.07 -7.22 17.45
CA TYR B 36 -7.65 -7.66 16.10
C TYR B 36 -7.45 -6.49 15.14
N ILE B 37 -8.00 -5.34 15.49
CA ILE B 37 -8.10 -4.22 14.54
C ILE B 37 -6.81 -3.40 14.48
N ALA B 38 -6.27 -3.19 13.26
CA ALA B 38 -5.13 -2.34 13.07
C ALA B 38 -5.54 -1.17 12.17
N VAL B 39 -5.12 0.00 12.55
CA VAL B 39 -5.48 1.25 11.82
C VAL B 39 -4.23 2.12 11.64
N HIS B 40 -4.19 2.84 10.49
CA HIS B 40 -3.00 3.57 10.07
C HIS B 40 -3.48 4.76 9.26
N VAL B 41 -3.09 5.94 9.71
CA VAL B 41 -3.46 7.22 9.08
C VAL B 41 -2.18 7.89 8.60
N VAL B 42 -2.15 8.32 7.33
CA VAL B 42 -0.97 8.91 6.68
C VAL B 42 -1.36 10.28 6.14
N PRO B 43 -1.11 11.35 6.91
CA PRO B 43 -1.48 12.68 6.43
C PRO B 43 -0.36 13.35 5.65
N ASP B 44 -0.64 14.59 5.20
CA ASP B 44 0.36 15.39 4.51
C ASP B 44 0.84 14.83 3.15
N GLN B 45 0.05 13.98 2.48
CA GLN B 45 0.46 13.37 1.27
C GLN B 45 0.28 14.24 0.04
N LEU B 46 1.16 14.00 -0.91
CA LEU B 46 1.13 14.61 -2.26
C LEU B 46 0.23 13.76 -3.13
N MET B 47 -1.03 14.19 -3.21
CA MET B 47 -2.01 13.42 -3.93
C MET B 47 -3.01 14.31 -4.64
N ALA B 48 -3.57 13.75 -5.67
CA ALA B 48 -4.70 14.39 -6.36
C ALA B 48 -5.81 13.41 -6.63
N PHE B 49 -7.05 13.93 -6.78
CA PHE B 49 -8.20 13.10 -7.05
C PHE B 49 -8.97 13.89 -8.13
N GLY B 50 -9.09 13.29 -9.30
CA GLY B 50 -9.67 14.02 -10.47
C GLY B 50 -8.84 15.21 -10.92
N GLY B 51 -7.57 15.20 -10.69
CA GLY B 51 -6.66 16.30 -11.00
C GLY B 51 -6.71 17.48 -10.03
N SER B 52 -7.49 17.41 -8.94
CA SER B 52 -7.57 18.45 -7.98
C SER B 52 -6.83 18.04 -6.70
N SER B 53 -6.23 19.00 -6.02
CA SER B 53 -5.59 18.78 -4.71
C SER B 53 -6.44 19.21 -3.54
N GLU B 54 -7.75 19.32 -3.73
CA GLU B 54 -8.65 19.52 -2.59
C GLU B 54 -8.54 18.30 -1.69
N PRO B 55 -9.05 18.35 -0.46
CA PRO B 55 -8.87 17.19 0.43
C PRO B 55 -9.43 15.95 -0.25
N CYS B 56 -8.70 14.82 -0.09
CA CYS B 56 -9.08 13.56 -0.64
C CYS B 56 -8.45 12.46 0.24
N ALA B 57 -8.82 11.24 -0.06
CA ALA B 57 -8.21 10.08 0.66
C ALA B 57 -8.21 8.87 -0.23
N LEU B 58 -7.17 8.07 -0.06
CA LEU B 58 -7.02 6.78 -0.73
C LEU B 58 -6.83 5.77 0.39
N CYS B 59 -7.73 4.82 0.49
CA CYS B 59 -7.77 3.93 1.68
C CYS B 59 -7.79 2.45 1.24
N SER B 60 -7.58 1.59 2.24
CA SER B 60 -7.69 0.14 2.07
C SER B 60 -8.29 -0.44 3.30
N LEU B 61 -9.12 -1.45 3.11
CA LEU B 61 -9.58 -2.32 4.23
C LEU B 61 -9.28 -3.74 3.86
N HIS B 62 -8.48 -4.45 4.68
CA HIS B 62 -8.22 -5.88 4.47
C HIS B 62 -8.96 -6.60 5.62
N SER B 63 -9.63 -7.70 5.25
CA SER B 63 -10.30 -8.57 6.25
C SER B 63 -10.18 -10.00 5.80
N ILE B 64 -10.18 -10.95 6.72
CA ILE B 64 -10.27 -12.38 6.40
C ILE B 64 -11.78 -12.66 6.41
N GLY B 65 -12.40 -12.61 5.26
CA GLY B 65 -13.84 -12.64 5.13
C GLY B 65 -14.49 -11.30 5.54
N LYS B 66 -15.82 -11.33 5.64
CA LYS B 66 -16.58 -10.14 6.06
C LYS B 66 -16.47 -9.08 4.93
N ILE B 67 -16.18 -9.52 3.72
CA ILE B 67 -16.05 -8.62 2.55
C ILE B 67 -17.08 -9.08 1.52
N GLY B 68 -17.83 -8.14 0.95
CA GLY B 68 -18.77 -8.49 -0.05
C GLY B 68 -19.65 -7.33 -0.35
N GLY B 69 -20.54 -7.47 -1.32
CA GLY B 69 -21.38 -6.42 -1.80
C GLY B 69 -21.97 -5.46 -0.77
N ALA B 70 -22.96 -5.98 -0.04
CA ALA B 70 -23.65 -5.21 0.95
C ALA B 70 -22.74 -4.78 2.08
N GLN B 71 -21.87 -5.66 2.55
CA GLN B 71 -20.96 -5.31 3.62
C GLN B 71 -20.06 -4.17 3.28
N ASN B 72 -19.55 -4.20 2.05
CA ASN B 72 -18.65 -3.14 1.63
C ASN B 72 -19.37 -1.81 1.45
N ARG B 73 -20.60 -1.83 1.01
CA ARG B 73 -21.34 -0.56 1.02
C ARG B 73 -21.49 0.01 2.41
N SER B 74 -21.81 -0.87 3.36
CA SER B 74 -21.89 -0.42 4.72
C SER B 74 -20.57 0.16 5.25
N TYR B 75 -19.46 -0.57 5.00
CA TYR B 75 -18.17 -0.06 5.42
C TYR B 75 -17.89 1.34 4.77
N SER B 76 -18.28 1.53 3.50
CA SER B 76 -18.02 2.73 2.86
C SER B 76 -18.83 3.90 3.44
N LYS B 77 -20.08 3.63 3.80
CA LYS B 77 -20.88 4.68 4.46
C LYS B 77 -20.27 5.07 5.80
N LEU B 78 -19.89 4.06 6.56
CA LEU B 78 -19.21 4.29 7.83
C LEU B 78 -17.95 5.12 7.68
N LEU B 79 -17.07 4.64 6.79
CA LEU B 79 -15.76 5.22 6.69
C LEU B 79 -15.77 6.57 6.05
N CYS B 80 -16.53 6.72 4.95
CA CYS B 80 -16.64 8.03 4.37
C CYS B 80 -17.27 9.03 5.36
N GLY B 81 -18.20 8.56 6.14
CA GLY B 81 -18.86 9.38 7.17
C GLY B 81 -17.78 9.91 8.11
N LEU B 82 -16.91 9.01 8.59
CA LEU B 82 -15.86 9.41 9.53
C LEU B 82 -14.86 10.36 8.91
N LEU B 83 -14.47 10.13 7.64
CA LEU B 83 -13.56 10.96 7.01
C LEU B 83 -14.13 12.38 6.77
N ALA B 84 -15.40 12.41 6.45
CA ALA B 84 -16.10 13.74 6.27
C ALA B 84 -16.19 14.47 7.59
N GLU B 85 -16.68 13.80 8.60
CA GLU B 85 -16.86 14.45 9.94
C GLU B 85 -15.56 14.91 10.50
N ARG B 86 -14.54 14.04 10.47
CA ARG B 86 -13.33 14.32 11.20
C ARG B 86 -12.25 15.00 10.44
N LEU B 87 -12.09 14.67 9.14
CA LEU B 87 -11.06 15.28 8.30
C LEU B 87 -11.59 16.25 7.22
N ARG B 88 -12.90 16.40 7.17
CA ARG B 88 -13.57 17.35 6.24
C ARG B 88 -13.25 16.98 4.81
N ILE B 89 -13.19 15.65 4.56
CA ILE B 89 -13.04 15.14 3.21
C ILE B 89 -14.35 14.76 2.61
N SER B 90 -14.69 15.31 1.42
CA SER B 90 -15.90 14.93 0.77
C SER B 90 -15.92 13.43 0.37
N PRO B 91 -17.02 12.72 0.63
CA PRO B 91 -17.14 11.30 0.31
C PRO B 91 -16.85 10.99 -1.15
N ASP B 92 -17.15 11.92 -2.06
CA ASP B 92 -16.86 11.67 -3.44
C ASP B 92 -15.41 11.98 -3.84
N ARG B 93 -14.56 12.19 -2.84
CA ARG B 93 -13.13 12.31 -3.07
C ARG B 93 -12.39 11.29 -2.18
N VAL B 94 -13.08 10.20 -1.94
CA VAL B 94 -12.49 9.00 -1.20
C VAL B 94 -12.60 7.74 -2.04
N TYR B 95 -11.50 6.99 -2.16
CA TYR B 95 -11.59 5.63 -2.65
C TYR B 95 -11.15 4.70 -1.53
N ILE B 96 -11.85 3.60 -1.38
CA ILE B 96 -11.45 2.55 -0.44
C ILE B 96 -11.36 1.23 -1.19
N ASN B 97 -10.18 0.62 -1.24
CA ASN B 97 -9.99 -0.69 -1.90
C ASN B 97 -10.20 -1.74 -0.79
N TYR B 98 -11.10 -2.66 -1.07
CA TYR B 98 -11.43 -3.77 -0.16
C TYR B 98 -10.76 -5.05 -0.64
N TYR B 99 -10.19 -5.76 0.35
CA TYR B 99 -9.43 -7.01 0.09
C TYR B 99 -9.92 -8.10 1.05
N ASP B 100 -10.46 -9.16 0.45
CA ASP B 100 -10.81 -10.39 1.17
C ASP B 100 -9.63 -11.29 1.21
N MET B 101 -8.89 -11.29 2.29
CA MET B 101 -7.67 -12.06 2.40
C MET B 101 -7.94 -13.50 2.79
N ASN B 102 -7.23 -14.42 2.17
CA ASN B 102 -7.20 -15.80 2.69
C ASN B 102 -6.35 -15.88 3.99
N ALA B 103 -6.83 -16.61 5.00
CA ALA B 103 -6.13 -16.77 6.23
C ALA B 103 -4.66 -17.19 6.10
N ALA B 104 -4.41 -18.03 5.09
CA ALA B 104 -2.99 -18.49 4.83
C ALA B 104 -2.16 -17.37 4.31
N ASN B 105 -2.78 -16.26 3.82
CA ASN B 105 -2.01 -15.13 3.29
C ASN B 105 -1.93 -13.93 4.22
N VAL B 106 -2.29 -14.17 5.48
CA VAL B 106 -2.07 -13.17 6.53
C VAL B 106 -1.15 -13.69 7.61
N GLY B 107 -0.02 -13.06 7.72
CA GLY B 107 0.97 -13.35 8.76
C GLY B 107 0.73 -12.59 10.03
N TRP B 108 1.03 -13.21 11.18
CA TRP B 108 0.85 -12.63 12.50
C TRP B 108 1.62 -13.54 13.48
N ASN B 109 2.35 -12.97 14.43
CA ASN B 109 2.87 -13.75 15.56
C ASN B 109 3.57 -15.03 15.15
N ASN B 110 4.48 -14.75 14.23
CA ASN B 110 5.44 -15.71 13.71
C ASN B 110 4.86 -16.80 12.84
N SER B 111 3.64 -16.62 12.39
CA SER B 111 2.99 -17.64 11.64
C SER B 111 1.90 -16.97 10.78
N THR B 112 0.90 -17.73 10.40
CA THR B 112 -0.23 -17.14 9.67
C THR B 112 -1.54 -17.58 10.35
N PHE B 113 -2.65 -17.11 9.82
CA PHE B 113 -3.94 -17.46 10.40
C PHE B 113 -4.50 -18.77 9.88
N ALA B 114 -3.82 -19.42 8.93
CA ALA B 114 -4.33 -20.65 8.37
C ALA B 114 -4.44 -21.76 9.46
N PRO C 1 -9.51 4.64 -11.71
CA PRO C 1 -8.13 4.11 -11.58
C PRO C 1 -7.32 4.92 -10.63
N MET C 2 -6.32 4.35 -10.19
CA MET C 2 -5.54 5.04 -9.16
C MET C 2 -4.14 4.46 -9.11
N PHE C 3 -3.21 5.44 -9.11
CA PHE C 3 -1.79 5.14 -9.31
C PHE C 3 -1.01 5.75 -8.16
N ILE C 4 -0.15 4.88 -7.53
CA ILE C 4 0.63 5.30 -6.43
C ILE C 4 2.10 4.99 -6.74
N VAL C 5 2.97 5.94 -6.48
CA VAL C 5 4.41 5.77 -6.61
C VAL C 5 5.09 6.11 -5.34
N ASN C 6 5.85 5.14 -4.86
CA ASN C 6 6.71 5.31 -3.70
C ASN C 6 8.16 5.31 -4.17
N THR C 7 8.92 6.31 -3.73
CA THR C 7 10.28 6.53 -4.27
C THR C 7 11.16 7.10 -3.23
N ASN C 8 12.46 6.75 -3.41
CA ASN C 8 13.53 7.41 -2.62
C ASN C 8 14.03 8.77 -3.22
N VAL C 9 13.53 9.11 -4.41
CA VAL C 9 13.82 10.45 -4.98
C VAL C 9 13.32 11.49 -4.02
N PRO C 10 14.09 12.58 -3.74
CA PRO C 10 13.63 13.59 -2.81
C PRO C 10 12.47 14.44 -3.34
N ARG C 11 11.70 15.02 -2.43
CA ARG C 11 10.54 15.82 -2.75
C ARG C 11 10.85 16.97 -3.74
N ALA C 12 12.00 17.61 -3.52
CA ALA C 12 12.35 18.72 -4.40
C ALA C 12 12.63 18.32 -5.85
N SER C 13 12.89 17.05 -6.13
CA SER C 13 13.10 16.53 -7.44
C SER C 13 11.83 16.11 -8.19
N VAL C 14 10.68 16.22 -7.52
CA VAL C 14 9.41 15.94 -8.16
C VAL C 14 8.95 17.24 -8.82
N PRO C 15 8.79 17.20 -10.14
CA PRO C 15 8.50 18.54 -10.77
C PRO C 15 7.11 19.02 -10.51
N ASP C 16 6.94 20.33 -10.38
CA ASP C 16 5.61 20.86 -10.27
C ASP C 16 4.93 20.44 -11.57
N GLY C 17 3.68 20.05 -11.43
CA GLY C 17 2.91 19.52 -12.53
C GLY C 17 2.88 18.00 -12.70
N PHE C 18 3.71 17.29 -11.92
CA PHE C 18 3.79 15.86 -12.09
C PHE C 18 2.45 15.14 -11.84
N LEU C 19 1.78 15.49 -10.77
CA LEU C 19 0.52 14.78 -10.46
C LEU C 19 -0.53 15.06 -11.57
N SER C 20 -0.56 16.31 -12.08
CA SER C 20 -1.42 16.57 -13.24
C SER C 20 -1.08 15.84 -14.48
N GLU C 21 0.22 15.67 -14.78
CA GLU C 21 0.69 14.95 -15.91
C GLU C 21 0.27 13.49 -15.81
N LEU C 22 0.48 12.89 -14.60
CA LEU C 22 0.08 11.53 -14.45
C LEU C 22 -1.41 11.36 -14.61
N THR C 23 -2.17 12.29 -14.09
CA THR C 23 -3.65 12.24 -14.21
C THR C 23 -4.09 12.28 -15.66
N GLN C 24 -3.51 13.21 -16.41
CA GLN C 24 -3.85 13.27 -17.85
C GLN C 24 -3.40 12.09 -18.63
N GLN C 25 -2.15 11.57 -18.42
CA GLN C 25 -1.65 10.46 -19.18
C GLN C 25 -2.40 9.16 -18.83
N LEU C 26 -2.76 9.03 -17.56
CA LEU C 26 -3.56 7.86 -17.16
C LEU C 26 -5.00 7.89 -17.71
N ALA C 27 -5.58 9.08 -17.72
CA ALA C 27 -6.93 9.24 -18.35
C ALA C 27 -6.86 8.81 -19.80
N GLN C 28 -5.84 9.27 -20.53
CA GLN C 28 -5.64 8.85 -21.92
C GLN C 28 -5.41 7.36 -22.05
N ALA C 29 -4.56 6.80 -21.19
CA ALA C 29 -4.21 5.40 -21.33
C ALA C 29 -5.32 4.42 -20.99
N THR C 30 -6.13 4.78 -19.99
CA THR C 30 -7.17 3.86 -19.49
C THR C 30 -8.51 4.11 -20.15
N GLY C 31 -8.60 5.22 -20.84
CA GLY C 31 -9.85 5.68 -21.47
C GLY C 31 -10.94 6.13 -20.51
N LYS C 32 -10.55 6.44 -19.26
CA LYS C 32 -11.46 6.92 -18.21
C LYS C 32 -11.45 8.44 -18.01
N PRO C 33 -12.58 9.04 -17.58
CA PRO C 33 -12.60 10.47 -17.40
C PRO C 33 -11.56 10.81 -16.33
N PRO C 34 -10.88 11.92 -16.47
CA PRO C 34 -9.89 12.31 -15.46
C PRO C 34 -10.49 12.53 -14.09
N GLN C 35 -11.78 12.82 -14.03
CA GLN C 35 -12.42 13.00 -12.79
C GLN C 35 -12.37 11.79 -11.88
N TYR C 36 -12.13 10.63 -12.44
CA TYR C 36 -12.09 9.43 -11.59
C TYR C 36 -10.63 9.05 -11.22
N ILE C 37 -9.65 9.71 -11.81
CA ILE C 37 -8.26 9.26 -11.65
C ILE C 37 -7.69 9.85 -10.37
N ALA C 38 -7.08 8.98 -9.54
CA ALA C 38 -6.43 9.43 -8.34
C ALA C 38 -4.92 9.08 -8.52
N VAL C 39 -4.09 10.01 -8.08
CA VAL C 39 -2.65 9.82 -8.13
C VAL C 39 -2.00 10.26 -6.81
N HIS C 40 -0.93 9.58 -6.48
CA HIS C 40 -0.30 9.75 -5.20
C HIS C 40 1.19 9.46 -5.34
N VAL C 41 2.01 10.42 -4.97
CA VAL C 41 3.49 10.32 -5.08
C VAL C 41 4.03 10.51 -3.67
N VAL C 42 4.86 9.54 -3.29
CA VAL C 42 5.46 9.51 -1.98
C VAL C 42 7.03 9.51 -2.11
N PRO C 43 7.62 10.71 -1.98
CA PRO C 43 9.03 10.82 -2.12
C PRO C 43 9.77 10.57 -0.79
N ASP C 44 11.10 10.67 -0.88
CA ASP C 44 11.97 10.62 0.35
C ASP C 44 11.91 9.30 1.12
N GLN C 45 11.56 8.26 0.44
CA GLN C 45 11.40 6.96 1.11
C GLN C 45 12.71 6.24 1.31
N LEU C 46 12.71 5.49 2.43
CA LEU C 46 13.81 4.57 2.77
C LEU C 46 13.62 3.25 2.08
N MET C 47 14.25 3.13 0.93
CA MET C 47 14.08 1.94 0.16
C MET C 47 15.35 1.48 -0.57
N ALA C 48 15.34 0.22 -0.93
CA ALA C 48 16.33 -0.36 -1.77
C ALA C 48 15.80 -1.24 -2.76
N PHE C 49 16.49 -1.37 -3.91
CA PHE C 49 16.12 -2.21 -5.00
C PHE C 49 17.37 -2.97 -5.39
N GLY C 50 17.32 -4.28 -5.35
CA GLY C 50 18.58 -5.10 -5.56
C GLY C 50 19.67 -4.73 -4.57
N GLY C 51 19.35 -4.29 -3.37
CA GLY C 51 20.34 -3.90 -2.35
C GLY C 51 20.99 -2.55 -2.49
N SER C 52 20.57 -1.78 -3.52
CA SER C 52 21.09 -0.44 -3.78
C SER C 52 20.09 0.66 -3.47
N SER C 53 20.54 1.78 -2.97
CA SER C 53 19.74 2.94 -2.71
C SER C 53 19.79 3.99 -3.84
N GLU C 54 20.20 3.62 -5.02
CA GLU C 54 20.09 4.46 -6.23
C GLU C 54 18.60 4.69 -6.44
N PRO C 55 18.25 5.76 -7.15
CA PRO C 55 16.79 5.95 -7.41
C PRO C 55 16.06 4.74 -7.88
N CYS C 56 14.88 4.53 -7.25
CA CYS C 56 14.04 3.42 -7.56
C CYS C 56 12.56 3.82 -7.23
N ALA C 57 11.65 2.95 -7.66
CA ALA C 57 10.21 3.16 -7.34
C ALA C 57 9.47 1.90 -7.22
N LEU C 58 8.52 1.90 -6.26
CA LEU C 58 7.57 0.81 -6.09
C LEU C 58 6.19 1.43 -6.22
N CYS C 59 5.47 0.91 -7.18
CA CYS C 59 4.20 1.57 -7.62
C CYS C 59 3.09 0.55 -7.65
N SER C 60 1.86 1.10 -7.73
CA SER C 60 0.73 0.29 -7.95
C SER C 60 -0.23 1.01 -8.88
N LEU C 61 -0.98 0.26 -9.68
CA LEU C 61 -2.14 0.76 -10.47
C LEU C 61 -3.32 -0.15 -10.21
N HIS C 62 -4.38 0.43 -9.65
CA HIS C 62 -5.62 -0.26 -9.42
C HIS C 62 -6.63 0.25 -10.46
N SER C 63 -7.38 -0.66 -11.09
CA SER C 63 -8.40 -0.28 -12.04
C SER C 63 -9.52 -1.28 -11.90
N ILE C 64 -10.76 -0.83 -12.21
CA ILE C 64 -11.88 -1.78 -12.36
C ILE C 64 -11.90 -2.23 -13.83
N GLY C 65 -11.32 -3.36 -14.08
CA GLY C 65 -11.02 -3.80 -15.46
C GLY C 65 -9.91 -3.01 -16.09
N LYS C 66 -9.74 -3.21 -17.41
CA LYS C 66 -8.69 -2.49 -18.18
C LYS C 66 -7.30 -2.95 -17.65
N ILE C 67 -7.23 -4.14 -17.12
CA ILE C 67 -6.00 -4.79 -16.63
C ILE C 67 -5.86 -6.11 -17.32
N GLY C 68 -4.67 -6.34 -17.88
CA GLY C 68 -4.47 -7.60 -18.57
C GLY C 68 -3.10 -7.61 -19.21
N GLY C 69 -2.76 -8.71 -19.85
CA GLY C 69 -1.43 -8.86 -20.46
C GLY C 69 -0.89 -7.69 -21.24
N ALA C 70 -1.50 -7.42 -22.39
CA ALA C 70 -1.01 -6.36 -23.26
C ALA C 70 -1.22 -4.95 -22.69
N GLN C 71 -2.37 -4.71 -22.05
CA GLN C 71 -2.63 -3.45 -21.44
C GLN C 71 -1.57 -3.11 -20.40
N ASN C 72 -1.19 -4.13 -19.58
CA ASN C 72 -0.24 -3.87 -18.52
C ASN C 72 1.15 -3.59 -19.10
N ARG C 73 1.50 -4.27 -20.22
CA ARG C 73 2.79 -3.91 -20.84
C ARG C 73 2.78 -2.48 -21.28
N SER C 74 1.65 -2.05 -21.86
CA SER C 74 1.52 -0.67 -22.32
C SER C 74 1.58 0.36 -21.20
N TYR C 75 0.89 0.04 -20.09
CA TYR C 75 0.96 0.92 -18.95
C TYR C 75 2.42 0.99 -18.41
N SER C 76 3.13 -0.13 -18.44
CA SER C 76 4.46 -0.16 -17.89
C SER C 76 5.40 0.74 -18.72
N LYS C 77 5.23 0.65 -20.02
CA LYS C 77 6.06 1.50 -20.88
C LYS C 77 5.75 2.96 -20.65
N LEU C 78 4.45 3.31 -20.55
CA LEU C 78 4.07 4.65 -20.23
C LEU C 78 4.64 5.19 -18.90
N LEU C 79 4.41 4.37 -17.85
CA LEU C 79 4.71 4.84 -16.53
C LEU C 79 6.21 4.81 -16.22
N CYS C 80 6.89 3.78 -16.67
CA CYS C 80 8.35 3.79 -16.61
C CYS C 80 8.94 5.01 -17.39
N GLY C 81 8.33 5.28 -18.54
CA GLY C 81 8.75 6.42 -19.35
C GLY C 81 8.67 7.70 -18.60
N LEU C 82 7.55 7.93 -17.87
CA LEU C 82 7.36 9.10 -17.10
C LEU C 82 8.29 9.17 -15.92
N LEU C 83 8.50 8.02 -15.24
CA LEU C 83 9.32 8.06 -14.07
C LEU C 83 10.81 8.35 -14.44
N ALA C 84 11.21 7.84 -15.57
CA ALA C 84 12.59 8.06 -16.16
C ALA C 84 12.74 9.50 -16.55
N GLU C 85 11.77 10.03 -17.30
CA GLU C 85 11.87 11.44 -17.74
C GLU C 85 11.81 12.45 -16.62
N ARG C 86 10.82 12.28 -15.70
CA ARG C 86 10.51 13.29 -14.73
C ARG C 86 11.25 13.14 -13.41
N LEU C 87 11.42 11.88 -12.97
CA LEU C 87 12.13 11.67 -11.70
C LEU C 87 13.54 11.09 -11.88
N ARG C 88 13.93 10.76 -13.11
CA ARG C 88 15.29 10.23 -13.44
C ARG C 88 15.54 8.86 -12.82
N ILE C 89 14.48 8.06 -12.78
CA ILE C 89 14.55 6.70 -12.32
C ILE C 89 14.68 5.73 -13.41
N SER C 90 15.69 4.85 -13.37
CA SER C 90 15.84 3.86 -14.36
C SER C 90 14.70 2.89 -14.44
N PRO C 91 14.16 2.55 -15.63
CA PRO C 91 13.05 1.61 -15.73
C PRO C 91 13.30 0.26 -15.12
N ASP C 92 14.57 -0.16 -15.09
CA ASP C 92 14.89 -1.40 -14.47
C ASP C 92 14.99 -1.35 -12.92
N ARG C 93 14.66 -0.20 -12.35
CA ARG C 93 14.58 -0.03 -10.91
C ARG C 93 13.15 0.39 -10.49
N VAL C 94 12.19 -0.04 -11.30
CA VAL C 94 10.76 0.24 -11.06
C VAL C 94 10.00 -1.06 -11.05
N TYR C 95 9.19 -1.23 -10.01
CA TYR C 95 8.18 -2.27 -10.02
C TYR C 95 6.78 -1.64 -9.97
N ILE C 96 5.88 -2.19 -10.75
CA ILE C 96 4.45 -1.68 -10.73
C ILE C 96 3.57 -2.89 -10.54
N ASN C 97 2.86 -2.96 -9.40
CA ASN C 97 1.89 -3.99 -9.21
C ASN C 97 0.52 -3.57 -9.78
N TYR C 98 -0.07 -4.43 -10.60
CA TYR C 98 -1.34 -4.16 -11.20
C TYR C 98 -2.45 -4.97 -10.53
N TYR C 99 -3.54 -4.28 -10.21
CA TYR C 99 -4.69 -4.88 -9.52
C TYR C 99 -5.96 -4.61 -10.35
N ASP C 100 -6.63 -5.68 -10.76
CA ASP C 100 -7.96 -5.61 -11.42
C ASP C 100 -9.00 -5.77 -10.33
N MET C 101 -9.52 -4.63 -9.90
CA MET C 101 -10.49 -4.66 -8.80
C MET C 101 -11.88 -4.95 -9.26
N ASN C 102 -12.60 -5.77 -8.50
CA ASN C 102 -14.03 -5.86 -8.70
C ASN C 102 -14.75 -4.61 -8.24
N ALA C 103 -15.79 -4.16 -9.00
CA ALA C 103 -16.48 -2.98 -8.64
C ALA C 103 -17.05 -3.01 -7.25
N ALA C 104 -17.44 -4.20 -6.78
CA ALA C 104 -18.01 -4.31 -5.41
C ALA C 104 -16.96 -4.13 -4.32
N ASN C 105 -15.71 -4.20 -4.71
CA ASN C 105 -14.58 -4.05 -3.78
C ASN C 105 -13.89 -2.72 -3.87
N VAL C 106 -14.54 -1.68 -4.47
CA VAL C 106 -14.06 -0.34 -4.47
C VAL C 106 -15.17 0.57 -3.94
N GLY C 107 -14.84 1.14 -2.79
CA GLY C 107 -15.65 2.12 -2.14
C GLY C 107 -15.44 3.51 -2.64
N TRP C 108 -16.54 4.28 -2.68
CA TRP C 108 -16.53 5.67 -3.12
C TRP C 108 -17.86 6.35 -2.77
N ASN C 109 -17.82 7.59 -2.29
CA ASN C 109 -19.03 8.36 -2.10
C ASN C 109 -20.08 7.59 -1.33
N ASN C 110 -19.67 7.03 -0.18
CA ASN C 110 -20.55 6.37 0.74
C ASN C 110 -21.10 5.00 0.33
N SER C 111 -20.64 4.47 -0.77
CA SER C 111 -21.09 3.22 -1.29
C SER C 111 -19.98 2.58 -2.06
N THR C 112 -20.30 1.71 -2.98
CA THR C 112 -19.26 1.05 -3.86
C THR C 112 -19.63 1.26 -5.32
N PHE C 113 -18.77 0.86 -6.22
CA PHE C 113 -19.10 0.95 -7.67
C PHE C 113 -20.01 -0.18 -8.18
N ALA C 114 -20.35 -1.14 -7.30
CA ALA C 114 -21.21 -2.27 -7.74
C ALA C 114 -22.54 -1.77 -8.26
C1' HBX D . 10.04 -9.76 -7.26
O1' HBX D . 10.65 -10.17 -8.25
C1 HBX D . 8.75 -9.21 -7.27
C2 HBX D . 8.56 -7.82 -7.20
C3 HBX D . 7.30 -7.28 -7.25
C4 HBX D . 6.21 -8.07 -7.34
C5 HBX D . 6.37 -9.44 -7.29
C6 HBX D . 7.66 -10.01 -7.32
S SO4 E . 3.34 -24.17 0.44
O1 SO4 E . 4.48 -25.03 0.02
O2 SO4 E . 2.64 -24.81 1.57
O3 SO4 E . 3.84 -22.85 0.83
O4 SO4 E . 2.40 -24.03 -0.70
C1 IPA F . 4.75 -24.79 8.05
C2 IPA F . 4.12 -26.15 8.36
C3 IPA F . 5.07 -26.96 9.25
O2 IPA F . 3.89 -26.87 7.15
C1' HBX G . -7.87 -8.48 10.83
O1' HBX G . -7.91 -9.23 11.84
C1 HBX G . -7.00 -8.52 9.74
C2 HBX G . -5.78 -7.88 9.84
C3 HBX G . -4.96 -8.03 8.82
C4 HBX G . -5.31 -8.60 7.61
C5 HBX G . -6.57 -9.16 7.48
C6 HBX G . -7.39 -9.16 8.58
C1 IPA H . -26.65 -2.23 0.58
C2 IPA H . -27.79 -3.19 0.39
C3 IPA H . -28.09 -3.91 1.72
O2 IPA H . -27.35 -4.16 -0.46
C1' HBX I . -10.64 4.07 -10.79
O1' HBX I . -11.75 4.47 -11.22
C1 HBX I . -10.38 3.27 -9.70
C2 HBX I . -10.05 3.92 -8.52
C3 HBX I . -9.83 3.13 -7.47
C4 HBX I . -9.75 1.75 -7.48
C5 HBX I . -10.00 1.13 -8.70
C6 HBX I . -10.30 1.91 -9.78
S SO4 J . -5.12 -7.76 -22.50
O1 SO4 J . -4.03 -8.63 -23.07
O2 SO4 J . -5.99 -8.69 -21.65
O3 SO4 J . -4.66 -6.56 -21.71
O4 SO4 J . -5.90 -7.06 -23.53
#